data_5RPL
#
_entry.id   5RPL
#
_cell.length_a   68.280
_cell.length_b   68.280
_cell.length_c   103.000
_cell.angle_alpha   90.000
_cell.angle_beta   90.000
_cell.angle_gamma   90.000
#
_symmetry.space_group_name_H-M   'P 43 21 2'
#
loop_
_entity.id
_entity.type
_entity.pdbx_description
1 polymer 'Proteinase K'
2 non-polymer 'SULFATE ION'
3 non-polymer (4-methoxycarbonylphenyl)methylazanium
4 water water
#
_entity_poly.entity_id   1
_entity_poly.type   'polypeptide(L)'
_entity_poly.pdbx_seq_one_letter_code
;AAQTNAPWGLARISSTSPGTSTYYYDESAGQGSCVYVIDTGIEASHPEFEGRAQMVKTYYYSSRDGNGHGTHCAGTVGSR
TYGVAKKTQLFGVKVLDDNGSGQYSTIIAGMDFVASDKNNRNCPKGVVASLSLGGGYSSSVNSAAARLQSSGVMVAVAAG
NNNADARNYSPASEPSVCTVGASDRYDRRSSFSNYGSVLDIFGPGTDILSTWIGGSTRSISGTSMATPHVAGLAAYLMTL
GKTTAASACRYIADTANKGDLSNIPFGTVNLLAYNNYQA
;
_entity_poly.pdbx_strand_id   A
#
loop_
_chem_comp.id
_chem_comp.type
_chem_comp.name
_chem_comp.formula
8G2 non-polymer (4-methoxycarbonylphenyl)methylazanium 'C9 H12 N O2 1'
SO4 non-polymer 'SULFATE ION' 'O4 S -2'
#
# COMPACT_ATOMS: atom_id res chain seq x y z
N ALA A 1 15.02 11.72 -10.34
CA ALA A 1 14.99 10.70 -11.39
C ALA A 1 13.66 10.77 -12.14
N ALA A 2 13.68 10.34 -13.39
CA ALA A 2 12.49 10.33 -14.24
C ALA A 2 12.37 8.96 -14.89
N GLN A 3 11.21 8.32 -14.70
CA GLN A 3 10.87 7.07 -15.36
C GLN A 3 9.83 7.38 -16.44
N THR A 4 10.24 7.28 -17.70
CA THR A 4 9.31 7.55 -18.77
C THR A 4 8.38 6.37 -18.98
N ASN A 5 7.21 6.66 -19.57
CA ASN A 5 6.18 5.67 -19.85
C ASN A 5 5.89 4.81 -18.63
N ALA A 6 5.74 5.48 -17.49
CA ALA A 6 5.43 4.82 -16.25
C ALA A 6 3.94 4.49 -16.19
N PRO A 7 3.54 3.53 -15.35
CA PRO A 7 2.12 3.32 -15.10
C PRO A 7 1.48 4.63 -14.64
N TRP A 8 0.21 4.84 -15.03
CA TRP A 8 -0.42 6.13 -14.76
C TRP A 8 -0.39 6.48 -13.28
N GLY A 9 -0.52 5.49 -12.39
CA GLY A 9 -0.59 5.78 -10.97
C GLY A 9 0.71 6.32 -10.41
N LEU A 10 1.84 5.81 -10.90
CA LEU A 10 3.14 6.36 -10.51
C LEU A 10 3.27 7.79 -11.00
N ALA A 11 2.95 8.05 -12.27
CA ALA A 11 2.97 9.42 -12.77
C ALA A 11 2.06 10.32 -11.93
N ARG A 12 0.89 9.81 -11.54
CA ARG A 12 -0.05 10.62 -10.80
C ARG A 12 0.51 11.04 -9.46
N ILE A 13 1.20 10.14 -8.76
CA ILE A 13 1.67 10.47 -7.42
C ILE A 13 2.80 11.48 -7.41
N SER A 14 3.42 11.77 -8.56
CA SER A 14 4.42 12.81 -8.63
C SER A 14 3.96 14.01 -9.44
N SER A 15 2.65 14.19 -9.61
CA SER A 15 2.14 15.23 -10.48
C SER A 15 1.07 16.06 -9.79
N THR A 16 1.05 17.35 -10.14
CA THR A 16 -0.06 18.23 -9.77
C THR A 16 -1.24 18.12 -10.73
N SER A 17 -1.15 17.30 -11.78
CA SER A 17 -2.20 17.16 -12.77
C SER A 17 -2.34 15.71 -13.20
N PRO A 18 -3.55 15.26 -13.51
CA PRO A 18 -3.71 13.97 -14.18
C PRO A 18 -3.26 14.07 -15.63
N GLY A 19 -3.12 12.92 -16.26
CA GLY A 19 -2.90 12.88 -17.70
C GLY A 19 -1.46 12.95 -18.13
N THR A 20 -0.52 12.62 -17.27
CA THR A 20 0.89 12.54 -17.66
C THR A 20 1.38 11.12 -17.44
N SER A 21 2.58 10.81 -17.95
CA SER A 21 3.03 9.42 -17.98
C SER A 21 4.48 9.26 -17.53
N THR A 22 5.09 10.27 -16.91
CA THR A 22 6.44 10.14 -16.40
C THR A 22 6.39 10.25 -14.89
N TYR A 23 7.07 9.34 -14.20
CA TYR A 23 7.16 9.33 -12.75
C TYR A 23 8.47 9.98 -12.33
N TYR A 24 8.38 10.98 -11.44
CA TYR A 24 9.55 11.73 -10.99
C TYR A 24 9.72 11.49 -9.49
N TYR A 25 10.95 11.16 -9.07
CA TYR A 25 11.15 10.82 -7.67
C TYR A 25 12.62 10.97 -7.31
N ASP A 26 12.89 11.22 -6.03
CA ASP A 26 14.25 11.27 -5.54
C ASP A 26 14.93 9.91 -5.64
N GLU A 27 16.17 9.91 -6.13
CA GLU A 27 16.88 8.66 -6.41
C GLU A 27 17.12 7.81 -5.17
N SER A 28 17.00 8.37 -3.96
CA SER A 28 17.14 7.54 -2.76
C SER A 28 16.13 6.38 -2.78
N ALA A 29 14.93 6.63 -3.29
CA ALA A 29 14.02 5.56 -3.73
C ALA A 29 13.63 4.58 -2.61
N GLY A 30 13.55 5.05 -1.36
CA GLY A 30 13.22 4.15 -0.28
C GLY A 30 14.34 3.26 0.21
N GLN A 31 15.57 3.47 -0.25
CA GLN A 31 16.71 2.70 0.24
C GLN A 31 16.82 2.81 1.76
N GLY A 32 17.01 1.67 2.43
CA GLY A 32 17.13 1.65 3.87
C GLY A 32 15.82 1.52 4.61
N SER A 33 14.69 1.55 3.91
CA SER A 33 13.38 1.28 4.48
C SER A 33 12.97 -0.15 4.19
N CYS A 34 11.90 -0.60 4.84
CA CYS A 34 11.34 -1.92 4.60
C CYS A 34 9.83 -1.81 4.57
N VAL A 35 9.21 -2.61 3.69
CA VAL A 35 7.76 -2.68 3.60
C VAL A 35 7.34 -4.14 3.68
N TYR A 36 6.49 -4.45 4.65
CA TYR A 36 5.88 -5.76 4.76
C TYR A 36 4.60 -5.76 3.96
N VAL A 37 4.43 -6.76 3.12
CA VAL A 37 3.22 -6.94 2.33
C VAL A 37 2.49 -8.14 2.91
N ILE A 38 1.39 -7.88 3.60
CA ILE A 38 0.67 -8.89 4.37
C ILE A 38 -0.50 -9.30 3.48
N ASP A 39 -0.38 -10.48 2.85
CA ASP A 39 -1.24 -10.78 1.71
C ASP A 39 -1.16 -12.27 1.34
N THR A 40 -1.26 -12.58 0.05
CA THR A 40 -1.18 -13.96 -0.44
C THR A 40 0.25 -14.44 -0.67
N GLY A 41 1.24 -13.64 -0.32
CA GLY A 41 2.64 -13.95 -0.61
C GLY A 41 3.20 -13.01 -1.67
N ILE A 42 4.47 -13.27 -2.02
CA ILE A 42 5.17 -12.51 -3.05
C ILE A 42 6.01 -13.49 -3.86
N GLU A 43 5.91 -13.43 -5.18
CA GLU A 43 6.82 -14.20 -6.03
C GLU A 43 8.16 -13.47 -6.05
N ALA A 44 9.00 -13.77 -5.07
CA ALA A 44 10.25 -13.03 -4.90
C ALA A 44 11.21 -13.23 -6.08
N SER A 45 11.08 -14.33 -6.81
CA SER A 45 11.94 -14.58 -7.95
C SER A 45 11.65 -13.69 -9.16
N HIS A 46 10.56 -12.92 -9.14
CA HIS A 46 10.23 -12.10 -10.29
C HIS A 46 11.38 -11.14 -10.56
N PRO A 47 11.90 -11.07 -11.79
CA PRO A 47 13.01 -10.15 -12.08
C PRO A 47 12.74 -8.71 -11.66
N GLU A 48 11.47 -8.31 -11.62
CA GLU A 48 11.12 -6.95 -11.26
C GLU A 48 11.49 -6.59 -9.83
N PHE A 49 11.71 -7.57 -8.96
CA PHE A 49 12.06 -7.29 -7.57
C PHE A 49 13.56 -7.23 -7.34
N GLU A 50 14.37 -7.71 -8.28
CA GLU A 50 15.81 -7.48 -8.23
C GLU A 50 16.46 -8.04 -6.97
N GLY A 51 15.92 -9.12 -6.42
CA GLY A 51 16.47 -9.67 -5.20
C GLY A 51 16.11 -8.95 -3.93
N ARG A 52 15.29 -7.89 -4.01
CA ARG A 52 14.91 -7.10 -2.84
C ARG A 52 13.68 -7.61 -2.13
N ALA A 53 13.02 -8.66 -2.63
CA ALA A 53 11.86 -9.25 -2.00
C ALA A 53 12.19 -10.61 -1.41
N GLN A 54 11.55 -10.93 -0.29
CA GLN A 54 11.71 -12.25 0.30
C GLN A 54 10.47 -12.55 1.12
N MET A 55 10.13 -13.83 1.20
CA MET A 55 9.07 -14.27 2.10
C MET A 55 9.66 -14.50 3.49
N VAL A 56 9.00 -13.97 4.50
CA VAL A 56 9.45 -14.13 5.88
C VAL A 56 8.51 -14.99 6.72
N LYS A 57 7.28 -15.23 6.28
CA LYS A 57 6.33 -15.96 7.12
C LYS A 57 5.17 -16.43 6.26
N THR A 58 4.71 -17.65 6.54
CA THR A 58 3.46 -18.15 5.99
C THR A 58 2.75 -18.96 7.06
N TYR A 59 1.42 -19.02 6.95
CA TYR A 59 0.60 -19.84 7.83
C TYR A 59 0.02 -21.04 7.10
N TYR A 60 0.50 -21.32 5.89
CA TYR A 60 -0.03 -22.34 5.01
C TYR A 60 1.11 -23.26 4.54
N TYR A 61 0.78 -24.25 3.71
CA TYR A 61 1.77 -25.26 3.33
C TYR A 61 2.88 -24.72 2.47
N SER A 62 2.74 -23.52 1.91
CA SER A 62 3.79 -22.91 1.12
C SER A 62 3.79 -21.43 1.41
N SER A 63 4.95 -20.79 1.21
CA SER A 63 5.03 -19.34 1.24
C SER A 63 4.88 -18.73 -0.15
N ARG A 64 4.76 -19.57 -1.18
CA ARG A 64 4.61 -19.07 -2.54
C ARG A 64 3.25 -18.39 -2.72
N ASP A 65 3.25 -17.36 -3.56
CA ASP A 65 2.01 -16.70 -3.97
C ASP A 65 1.39 -17.52 -5.11
N GLY A 66 0.40 -18.34 -4.79
CA GLY A 66 -0.34 -19.07 -5.80
C GLY A 66 -1.53 -18.31 -6.34
N ASN A 67 -1.69 -17.05 -5.96
CA ASN A 67 -2.83 -16.24 -6.37
C ASN A 67 -2.44 -15.13 -7.35
N GLY A 68 -1.46 -14.30 -6.97
CA GLY A 68 -1.04 -13.15 -7.75
C GLY A 68 -1.29 -11.82 -7.04
N HIS A 69 -2.31 -11.75 -6.21
CA HIS A 69 -2.70 -10.49 -5.58
C HIS A 69 -1.55 -9.90 -4.77
N GLY A 70 -0.90 -10.72 -3.93
CA GLY A 70 0.19 -10.20 -3.12
C GLY A 70 1.38 -9.76 -3.95
N THR A 71 1.67 -10.51 -5.02
CA THR A 71 2.75 -10.12 -5.92
C THR A 71 2.45 -8.80 -6.60
N HIS A 72 1.19 -8.58 -6.98
CA HIS A 72 0.81 -7.33 -7.63
C HIS A 72 0.98 -6.15 -6.67
N CYS A 73 0.48 -6.30 -5.44
CA CYS A 73 0.62 -5.25 -4.44
C CYS A 73 2.08 -4.97 -4.14
N ALA A 74 2.89 -6.02 -3.96
CA ALA A 74 4.31 -5.82 -3.72
C ALA A 74 4.97 -5.08 -4.87
N GLY A 75 4.55 -5.38 -6.10
CA GLY A 75 5.12 -4.70 -7.25
C GLY A 75 4.83 -3.21 -7.24
N THR A 76 3.63 -2.82 -6.79
CA THR A 76 3.31 -1.40 -6.69
C THR A 76 4.10 -0.72 -5.57
N VAL A 77 4.39 -1.44 -4.48
CA VAL A 77 5.26 -0.87 -3.45
C VAL A 77 6.65 -0.60 -4.02
N GLY A 78 7.26 -1.62 -4.63
CA GLY A 78 8.70 -1.60 -4.79
C GLY A 78 9.35 -2.26 -5.98
N SER A 79 8.59 -2.66 -7.00
CA SER A 79 9.26 -3.21 -8.18
C SER A 79 9.96 -2.11 -8.99
N ARG A 80 10.95 -2.52 -9.78
CA ARG A 80 11.77 -1.57 -10.52
C ARG A 80 10.93 -0.76 -11.51
N THR A 81 9.98 -1.39 -12.20
CA THR A 81 9.16 -0.66 -13.18
C THR A 81 7.84 -0.19 -12.60
N TYR A 82 7.21 -1.00 -11.76
CA TYR A 82 5.85 -0.72 -11.34
C TYR A 82 5.75 -0.12 -9.94
N GLY A 83 6.88 0.09 -9.27
CA GLY A 83 6.88 0.46 -7.87
C GLY A 83 7.14 1.92 -7.57
N VAL A 84 6.58 2.36 -6.44
CA VAL A 84 6.78 3.71 -5.93
C VAL A 84 8.18 3.86 -5.34
N ALA A 85 8.60 2.90 -4.51
CA ALA A 85 9.85 2.95 -3.73
C ALA A 85 10.77 1.86 -4.28
N LYS A 86 11.53 2.22 -5.32
CA LYS A 86 12.21 1.23 -6.15
C LYS A 86 13.43 0.60 -5.50
N LYS A 87 13.85 1.06 -4.32
CA LYS A 87 14.99 0.49 -3.61
C LYS A 87 14.63 0.00 -2.22
N THR A 88 13.35 -0.05 -1.86
CA THR A 88 12.96 -0.59 -0.57
C THR A 88 13.17 -2.10 -0.51
N GLN A 89 13.24 -2.62 0.71
CA GLN A 89 13.24 -4.07 0.93
C GLN A 89 11.82 -4.51 1.18
N LEU A 90 11.42 -5.61 0.55
CA LEU A 90 10.05 -6.10 0.62
C LEU A 90 10.04 -7.41 1.39
N PHE A 91 9.15 -7.53 2.37
CA PHE A 91 9.01 -8.72 3.19
C PHE A 91 7.59 -9.25 3.06
N GLY A 92 7.44 -10.48 2.59
CA GLY A 92 6.12 -11.06 2.43
C GLY A 92 5.68 -11.87 3.63
N VAL A 93 4.42 -11.66 4.04
CA VAL A 93 3.78 -12.40 5.12
C VAL A 93 2.49 -12.96 4.56
N LYS A 94 2.43 -14.28 4.40
CA LYS A 94 1.30 -14.93 3.72
C LYS A 94 0.24 -15.29 4.75
N VAL A 95 -0.73 -14.38 4.92
CA VAL A 95 -1.90 -14.61 5.77
C VAL A 95 -3.11 -15.03 4.97
N LEU A 96 -3.08 -14.89 3.64
CA LEU A 96 -4.20 -15.26 2.78
C LEU A 96 -3.79 -16.47 1.96
N ASP A 97 -4.72 -17.41 1.82
CA ASP A 97 -4.47 -18.60 1.02
C ASP A 97 -4.47 -18.26 -0.47
N ASP A 98 -4.26 -19.27 -1.30
CA ASP A 98 -4.13 -19.03 -2.73
C ASP A 98 -5.45 -18.66 -3.40
N ASN A 99 -6.58 -18.81 -2.70
CA ASN A 99 -7.84 -18.26 -3.17
C ASN A 99 -8.05 -16.82 -2.74
N GLY A 100 -7.12 -16.24 -1.99
CA GLY A 100 -7.25 -14.89 -1.51
C GLY A 100 -7.99 -14.74 -0.21
N SER A 101 -8.29 -15.82 0.49
CA SER A 101 -9.06 -15.78 1.72
C SER A 101 -8.18 -16.08 2.92
N GLY A 102 -8.57 -15.53 4.08
CA GLY A 102 -7.87 -15.84 5.31
C GLY A 102 -8.73 -15.59 6.52
N GLN A 103 -8.56 -16.43 7.54
CA GLN A 103 -9.26 -16.21 8.80
C GLN A 103 -8.72 -15.00 9.53
N TYR A 104 -9.61 -14.27 10.18
CA TYR A 104 -9.19 -13.11 10.96
C TYR A 104 -8.12 -13.49 11.99
N SER A 105 -8.23 -14.67 12.58
CA SER A 105 -7.25 -15.07 13.58
C SER A 105 -5.85 -15.18 12.97
N THR A 106 -5.75 -15.66 11.74
CA THR A 106 -4.47 -15.72 11.05
C THR A 106 -3.97 -14.33 10.68
N ILE A 107 -4.87 -13.46 10.21
CA ILE A 107 -4.49 -12.10 9.87
C ILE A 107 -3.95 -11.37 11.10
N ILE A 108 -4.61 -11.53 12.25
CA ILE A 108 -4.16 -10.92 13.50
C ILE A 108 -2.78 -11.45 13.87
N ALA A 109 -2.58 -12.77 13.79
CA ALA A 109 -1.27 -13.33 14.09
C ALA A 109 -0.20 -12.73 13.17
N GLY A 110 -0.55 -12.51 11.91
CA GLY A 110 0.41 -11.94 10.97
C GLY A 110 0.79 -10.50 11.31
N MET A 111 -0.17 -9.70 11.75
CA MET A 111 0.13 -8.34 12.21
C MET A 111 1.05 -8.37 13.42
N ASP A 112 0.73 -9.20 14.42
CA ASP A 112 1.61 -9.26 15.59
C ASP A 112 2.98 -9.80 15.21
N PHE A 113 3.03 -10.69 14.21
CA PHE A 113 4.31 -11.18 13.70
C PHE A 113 5.16 -10.01 13.20
N VAL A 114 4.58 -9.12 12.39
CA VAL A 114 5.35 -8.01 11.84
C VAL A 114 5.85 -7.09 12.94
N ALA A 115 5.01 -6.83 13.94
CA ALA A 115 5.42 -5.95 15.02
C ALA A 115 6.67 -6.45 15.72
N SER A 116 6.82 -7.76 15.83
CA SER A 116 8.02 -8.33 16.41
C SER A 116 9.14 -8.53 15.40
N ASP A 117 8.78 -9.02 14.21
CA ASP A 117 9.77 -9.40 13.21
C ASP A 117 10.61 -8.22 12.74
N LYS A 118 10.08 -7.00 12.81
CA LYS A 118 10.88 -5.87 12.36
C LYS A 118 12.17 -5.75 13.18
N ASN A 119 12.15 -6.25 14.42
CA ASN A 119 13.35 -6.24 15.25
C ASN A 119 14.40 -7.24 14.79
N ASN A 120 14.07 -8.09 13.82
CA ASN A 120 15.00 -9.01 13.20
C ASN A 120 15.46 -8.55 11.83
N ARG A 121 15.10 -7.34 11.43
CA ARG A 121 15.41 -6.82 10.11
C ARG A 121 16.17 -5.51 10.22
N ASN A 122 16.89 -5.18 9.15
CA ASN A 122 17.64 -3.93 9.07
C ASN A 122 16.85 -2.93 8.23
N CYS A 123 16.25 -1.97 8.93
CA CYS A 123 15.37 -0.98 8.32
C CYS A 123 15.67 0.37 8.95
N PRO A 124 16.89 0.88 8.76
CA PRO A 124 17.28 2.09 9.48
C PRO A 124 16.43 3.31 9.16
N LYS A 125 15.83 3.37 7.97
CA LYS A 125 14.98 4.50 7.64
C LYS A 125 13.52 4.30 8.02
N GLY A 126 13.12 3.12 8.47
CA GLY A 126 11.77 2.92 8.94
C GLY A 126 11.07 1.74 8.28
N VAL A 127 9.91 1.42 8.83
CA VAL A 127 9.16 0.21 8.55
C VAL A 127 7.72 0.56 8.22
N VAL A 128 7.19 -0.04 7.15
CA VAL A 128 5.83 0.16 6.69
C VAL A 128 5.19 -1.23 6.54
N ALA A 129 3.88 -1.30 6.74
CA ALA A 129 3.13 -2.50 6.42
C ALA A 129 1.95 -2.13 5.54
N SER A 130 1.75 -2.91 4.49
CA SER A 130 0.69 -2.70 3.52
C SER A 130 -0.29 -3.86 3.63
N LEU A 131 -1.55 -3.54 3.91
CA LEU A 131 -2.61 -4.51 4.19
C LEU A 131 -3.74 -4.31 3.19
N SER A 132 -3.62 -4.96 2.03
CA SER A 132 -4.64 -4.92 0.99
C SER A 132 -5.63 -6.06 1.23
N LEU A 133 -6.34 -5.97 2.35
CA LEU A 133 -7.26 -7.02 2.77
C LEU A 133 -8.27 -6.41 3.72
N GLY A 134 -9.29 -7.18 4.04
CA GLY A 134 -10.27 -6.74 5.01
C GLY A 134 -11.56 -7.51 4.88
N GLY A 135 -12.42 -7.30 5.86
CA GLY A 135 -13.75 -7.88 5.86
C GLY A 135 -14.64 -7.03 6.76
N GLY A 136 -15.65 -7.67 7.34
CA GLY A 136 -16.59 -6.93 8.18
C GLY A 136 -15.95 -6.46 9.47
N TYR A 137 -16.63 -5.53 10.13
CA TYR A 137 -16.11 -4.91 11.34
C TYR A 137 -15.72 -5.95 12.38
N SER A 138 -14.51 -5.80 12.93
CA SER A 138 -14.02 -6.64 14.01
C SER A 138 -13.14 -5.79 14.91
N SER A 139 -13.54 -5.65 16.18
CA SER A 139 -12.72 -4.90 17.11
C SER A 139 -11.36 -5.54 17.30
N SER A 140 -11.28 -6.88 17.24
CA SER A 140 -10.00 -7.55 17.41
C SER A 140 -9.05 -7.28 16.24
N VAL A 141 -9.58 -7.27 15.02
CA VAL A 141 -8.77 -6.95 13.85
C VAL A 141 -8.28 -5.51 13.94
N ASN A 142 -9.18 -4.58 14.30
CA ASN A 142 -8.79 -3.18 14.44
C ASN A 142 -7.71 -3.02 15.50
N SER A 143 -7.87 -3.73 16.62
CA SER A 143 -6.89 -3.62 17.70
C SER A 143 -5.52 -4.14 17.27
N ALA A 144 -5.49 -5.20 16.47
CA ALA A 144 -4.24 -5.73 15.97
C ALA A 144 -3.54 -4.71 15.07
N ALA A 145 -4.31 -4.06 14.19
CA ALA A 145 -3.73 -3.02 13.35
C ALA A 145 -3.23 -1.84 14.19
N ALA A 146 -3.99 -1.47 15.23
CA ALA A 146 -3.55 -0.40 16.12
C ALA A 146 -2.27 -0.77 16.85
N ARG A 147 -2.13 -2.02 17.29
CA ARG A 147 -0.88 -2.44 17.94
C ARG A 147 0.29 -2.35 16.97
N LEU A 148 0.10 -2.81 15.74
CA LEU A 148 1.17 -2.77 14.76
C LEU A 148 1.64 -1.33 14.54
N GLN A 149 0.69 -0.41 14.39
CA GLN A 149 1.02 0.99 14.23
C GLN A 149 1.73 1.53 15.47
N SER A 150 1.19 1.25 16.66
CA SER A 150 1.81 1.68 17.91
C SER A 150 3.24 1.18 18.05
N SER A 151 3.55 -0.01 17.52
CA SER A 151 4.88 -0.58 17.64
C SER A 151 5.92 0.15 16.81
N GLY A 152 5.54 1.11 15.99
CA GLY A 152 6.47 1.85 15.17
C GLY A 152 6.45 1.48 13.70
N VAL A 153 5.35 0.94 13.18
CA VAL A 153 5.20 0.60 11.79
C VAL A 153 4.14 1.51 11.19
N MET A 154 4.43 2.08 10.03
CA MET A 154 3.41 2.85 9.30
C MET A 154 2.46 1.85 8.65
N VAL A 155 1.23 1.78 9.15
CA VAL A 155 0.26 0.80 8.64
C VAL A 155 -0.67 1.49 7.65
N ALA A 156 -0.68 0.98 6.42
CA ALA A 156 -1.62 1.41 5.39
C ALA A 156 -2.57 0.25 5.08
N VAL A 157 -3.87 0.54 5.08
CA VAL A 157 -4.89 -0.48 4.87
C VAL A 157 -5.88 -0.03 3.80
N ALA A 158 -6.40 -1.01 3.07
CA ALA A 158 -7.40 -0.74 2.04
C ALA A 158 -8.74 -0.34 2.64
N ALA A 159 -9.39 0.64 2.02
CA ALA A 159 -10.70 1.08 2.52
C ALA A 159 -11.77 0.04 2.25
N GLY A 160 -11.60 -0.77 1.21
CA GLY A 160 -12.56 -1.76 0.78
C GLY A 160 -13.27 -1.35 -0.50
N ASN A 161 -13.89 -2.34 -1.15
CA ASN A 161 -14.42 -2.20 -2.49
C ASN A 161 -15.94 -2.34 -2.55
N ASN A 162 -16.63 -1.88 -1.51
CA ASN A 162 -18.07 -2.07 -1.39
C ASN A 162 -18.88 -0.84 -1.81
N ASN A 163 -18.23 0.24 -2.26
CA ASN A 163 -18.92 1.50 -2.55
C ASN A 163 -19.81 1.89 -1.38
N ALA A 164 -19.25 1.80 -0.17
CA ALA A 164 -20.01 2.01 1.05
C ALA A 164 -19.13 2.70 2.07
N ASP A 165 -19.73 3.06 3.21
CA ASP A 165 -18.96 3.66 4.29
C ASP A 165 -18.04 2.63 4.93
N ALA A 166 -16.75 2.95 4.96
CA ALA A 166 -15.73 2.05 5.49
C ALA A 166 -15.84 1.82 7.00
N ARG A 167 -16.73 2.55 7.69
CA ARG A 167 -16.91 2.35 9.13
C ARG A 167 -17.32 0.93 9.48
N ASN A 168 -17.90 0.19 8.54
CA ASN A 168 -18.37 -1.16 8.78
C ASN A 168 -17.39 -2.24 8.35
N TYR A 169 -16.13 -1.87 8.12
CA TYR A 169 -15.13 -2.82 7.63
C TYR A 169 -13.85 -2.71 8.45
N SER A 170 -13.12 -3.82 8.54
CA SER A 170 -11.88 -3.86 9.30
C SER A 170 -10.77 -4.50 8.47
N PRO A 171 -9.52 -4.03 8.62
CA PRO A 171 -9.08 -2.96 9.51
C PRO A 171 -9.33 -1.52 9.02
N ALA A 172 -10.10 -1.36 7.93
CA ALA A 172 -10.33 -0.02 7.38
C ALA A 172 -10.82 0.96 8.43
N SER A 173 -11.67 0.52 9.35
CA SER A 173 -12.30 1.42 10.31
C SER A 173 -11.43 1.75 11.52
N GLU A 174 -10.22 1.19 11.62
CA GLU A 174 -9.37 1.52 12.76
C GLU A 174 -8.84 2.95 12.61
N PRO A 175 -9.12 3.85 13.57
CA PRO A 175 -8.72 5.26 13.38
C PRO A 175 -7.23 5.49 13.27
N SER A 176 -6.40 4.71 13.97
CA SER A 176 -4.99 5.06 14.11
C SER A 176 -4.13 4.61 12.92
N VAL A 177 -4.67 3.84 11.98
CA VAL A 177 -3.92 3.45 10.79
C VAL A 177 -4.31 4.33 9.61
N CYS A 178 -3.65 4.16 8.47
CA CYS A 178 -3.88 5.00 7.30
C CYS A 178 -4.81 4.24 6.35
N THR A 179 -6.06 4.69 6.25
CA THR A 179 -7.07 4.01 5.45
C THR A 179 -7.15 4.66 4.07
N VAL A 180 -6.98 3.84 3.03
CA VAL A 180 -6.71 4.31 1.67
C VAL A 180 -7.87 3.98 0.74
N GLY A 181 -8.47 5.03 0.15
CA GLY A 181 -9.44 4.86 -0.93
C GLY A 181 -8.79 4.87 -2.31
N ALA A 182 -9.58 4.58 -3.34
CA ALA A 182 -9.06 4.44 -4.69
C ALA A 182 -9.63 5.48 -5.64
N SER A 183 -8.78 5.97 -6.54
CA SER A 183 -9.16 6.88 -7.62
C SER A 183 -8.73 6.32 -8.97
N ASP A 184 -9.26 6.91 -10.04
CA ASP A 184 -8.96 6.52 -11.41
C ASP A 184 -8.11 7.59 -12.11
N ARG A 185 -7.74 7.27 -13.36
CA ARG A 185 -6.79 8.10 -14.09
C ARG A 185 -7.35 9.46 -14.46
N TYR A 186 -8.65 9.66 -14.33
CA TYR A 186 -9.32 10.93 -14.58
C TYR A 186 -9.63 11.68 -13.30
N ASP A 187 -9.02 11.27 -12.19
CA ASP A 187 -9.23 11.89 -10.88
C ASP A 187 -10.67 11.76 -10.41
N ARG A 188 -11.35 10.69 -10.78
CA ARG A 188 -12.65 10.34 -10.21
C ARG A 188 -12.45 9.30 -9.11
N ARG A 189 -13.26 9.37 -8.06
CA ARG A 189 -13.34 8.26 -7.13
C ARG A 189 -13.59 6.97 -7.89
N SER A 190 -12.82 5.93 -7.60
CA SER A 190 -13.07 4.66 -8.24
C SER A 190 -14.48 4.21 -7.90
N SER A 191 -15.15 3.57 -8.86
CA SER A 191 -16.58 3.30 -8.72
C SER A 191 -16.88 2.36 -7.56
N PHE A 192 -15.91 1.53 -7.18
CA PHE A 192 -16.06 0.56 -6.10
C PHE A 192 -15.52 1.06 -4.77
N SER A 193 -14.85 2.21 -4.72
CA SER A 193 -14.12 2.59 -3.52
C SER A 193 -15.06 2.90 -2.37
N ASN A 194 -14.78 2.31 -1.21
CA ASN A 194 -15.44 2.77 -0.01
C ASN A 194 -15.02 4.23 0.28
N TYR A 195 -15.76 4.85 1.19
CA TYR A 195 -15.62 6.25 1.52
C TYR A 195 -15.94 6.42 3.01
N GLY A 196 -16.05 7.66 3.46
CA GLY A 196 -16.45 7.93 4.82
C GLY A 196 -15.38 8.67 5.59
N SER A 197 -15.76 9.05 6.82
CA SER A 197 -14.88 9.85 7.68
C SER A 197 -13.59 9.13 8.03
N VAL A 198 -13.58 7.78 8.01
CA VAL A 198 -12.38 7.05 8.43
C VAL A 198 -11.29 7.07 7.37
N LEU A 199 -11.60 7.40 6.12
CA LEU A 199 -10.57 7.47 5.09
C LEU A 199 -9.61 8.60 5.41
N ASP A 200 -8.32 8.35 5.17
CA ASP A 200 -7.29 9.34 5.35
C ASP A 200 -6.77 9.91 4.04
N ILE A 201 -6.86 9.16 2.95
CA ILE A 201 -6.14 9.50 1.72
C ILE A 201 -6.69 8.63 0.61
N PHE A 202 -6.59 9.11 -0.63
CA PHE A 202 -6.83 8.31 -1.83
C PHE A 202 -5.52 8.09 -2.57
N GLY A 203 -5.45 6.95 -3.24
CA GLY A 203 -4.38 6.65 -4.16
C GLY A 203 -4.90 6.01 -5.43
N PRO A 204 -4.06 5.91 -6.46
CA PRO A 204 -4.47 5.27 -7.71
C PRO A 204 -4.92 3.83 -7.50
N GLY A 205 -6.12 3.51 -7.96
CA GLY A 205 -6.64 2.17 -7.74
C GLY A 205 -7.37 1.53 -8.90
N THR A 206 -7.64 2.25 -9.99
CA THR A 206 -8.33 1.67 -11.14
C THR A 206 -7.34 1.43 -12.27
N ASP A 207 -7.29 0.20 -12.77
CA ASP A 207 -6.45 -0.18 -13.90
C ASP A 207 -4.96 0.07 -13.62
N ILE A 208 -4.46 -0.64 -12.60
CA ILE A 208 -3.09 -0.48 -12.12
C ILE A 208 -2.25 -1.65 -12.61
N LEU A 209 -1.27 -1.34 -13.45
CA LEU A 209 -0.34 -2.34 -13.96
C LEU A 209 0.74 -2.63 -12.92
N SER A 210 0.99 -3.91 -12.68
CA SER A 210 2.03 -4.32 -11.76
C SER A 210 2.46 -5.75 -12.08
N THR A 211 3.35 -6.29 -11.23
CA THR A 211 3.84 -7.64 -11.36
C THR A 211 2.73 -8.66 -11.09
N TRP A 212 2.88 -9.84 -11.68
CA TRP A 212 1.99 -10.96 -11.44
C TRP A 212 2.81 -12.23 -11.40
N ILE A 213 2.19 -13.31 -10.90
CA ILE A 213 2.91 -14.57 -10.80
C ILE A 213 3.22 -15.16 -12.17
N GLY A 214 4.13 -16.11 -12.18
CA GLY A 214 4.67 -16.62 -13.42
C GLY A 214 5.56 -15.63 -14.14
N GLY A 215 6.16 -14.70 -13.41
CA GLY A 215 7.05 -13.72 -14.02
C GLY A 215 6.36 -12.80 -14.99
N SER A 216 5.08 -12.50 -14.76
CA SER A 216 4.27 -11.77 -15.72
C SER A 216 3.89 -10.40 -15.16
N THR A 217 2.99 -9.70 -15.87
CA THR A 217 2.41 -8.46 -15.39
C THR A 217 0.93 -8.47 -15.74
N ARG A 218 0.16 -7.70 -14.99
CA ARG A 218 -1.22 -7.47 -15.40
C ARG A 218 -1.76 -6.23 -14.69
N SER A 219 -2.87 -5.73 -15.22
CA SER A 219 -3.52 -4.55 -14.69
C SER A 219 -4.81 -5.00 -14.02
N ILE A 220 -4.97 -4.64 -12.74
CA ILE A 220 -6.19 -4.92 -11.99
C ILE A 220 -6.58 -3.68 -11.19
N SER A 221 -7.78 -3.73 -10.60
CA SER A 221 -8.36 -2.59 -9.90
C SER A 221 -8.79 -2.96 -8.49
N GLY A 222 -8.68 -2.00 -7.58
CA GLY A 222 -9.17 -2.17 -6.23
C GLY A 222 -8.54 -1.18 -5.29
N THR A 223 -9.17 -1.03 -4.11
CA THR A 223 -8.46 -0.34 -3.04
C THR A 223 -7.21 -1.10 -2.61
N SER A 224 -7.16 -2.40 -2.93
CA SER A 224 -5.93 -3.17 -2.75
C SER A 224 -4.76 -2.61 -3.54
N MET A 225 -5.03 -1.94 -4.67
CA MET A 225 -3.99 -1.39 -5.52
C MET A 225 -3.60 0.02 -5.08
N ALA A 226 -4.54 0.76 -4.48
CA ALA A 226 -4.26 2.10 -3.99
C ALA A 226 -3.38 2.03 -2.74
N THR A 227 -3.68 1.08 -1.85
CA THR A 227 -2.95 0.93 -0.58
C THR A 227 -1.43 0.84 -0.76
N PRO A 228 -0.90 -0.01 -1.65
CA PRO A 228 0.57 -0.07 -1.80
C PRO A 228 1.17 1.18 -2.41
N HIS A 229 0.41 1.99 -3.17
CA HIS A 229 0.94 3.29 -3.58
C HIS A 229 1.26 4.12 -2.34
N VAL A 230 0.36 4.14 -1.36
CA VAL A 230 0.56 4.93 -0.15
C VAL A 230 1.66 4.32 0.72
N ALA A 231 1.69 2.98 0.83
CA ALA A 231 2.75 2.33 1.60
C ALA A 231 4.12 2.63 1.00
N GLY A 232 4.25 2.49 -0.33
CA GLY A 232 5.51 2.83 -0.97
C GLY A 232 5.85 4.30 -0.80
N LEU A 233 4.87 5.17 -0.90
CA LEU A 233 5.12 6.60 -0.70
C LEU A 233 5.65 6.86 0.71
N ALA A 234 5.04 6.23 1.72
CA ALA A 234 5.52 6.37 3.09
C ALA A 234 6.97 5.96 3.21
N ALA A 235 7.33 4.80 2.64
CA ALA A 235 8.71 4.32 2.72
C ALA A 235 9.67 5.30 2.07
N TYR A 236 9.28 5.81 0.89
CA TYR A 236 10.04 6.82 0.17
C TYR A 236 10.24 8.08 1.01
N LEU A 237 9.17 8.57 1.65
CA LEU A 237 9.29 9.79 2.43
C LEU A 237 10.10 9.58 3.70
N MET A 238 9.98 8.39 4.32
CA MET A 238 10.77 8.09 5.51
C MET A 238 12.25 8.02 5.17
N THR A 239 12.61 7.42 4.03
CA THR A 239 14.00 7.41 3.61
C THR A 239 14.54 8.83 3.41
N LEU A 240 13.71 9.73 2.88
CA LEU A 240 14.10 11.13 2.72
C LEU A 240 14.19 11.87 4.04
N GLY A 241 13.77 11.26 5.14
CA GLY A 241 13.78 11.94 6.42
C GLY A 241 12.69 12.97 6.60
N LYS A 242 11.67 12.97 5.75
CA LYS A 242 10.61 13.97 5.82
C LYS A 242 9.53 13.63 6.83
N THR A 243 9.43 12.38 7.26
CA THR A 243 8.39 11.97 8.20
C THR A 243 8.85 10.68 8.88
N THR A 244 8.03 10.20 9.81
CA THR A 244 8.30 9.02 10.61
C THR A 244 7.09 8.08 10.50
N ALA A 245 7.24 6.86 11.00
CA ALA A 245 6.13 5.91 10.94
C ALA A 245 4.90 6.45 11.67
N ALA A 246 5.10 7.11 12.81
CA ALA A 246 3.96 7.59 13.59
C ALA A 246 3.20 8.70 12.88
N SER A 247 3.87 9.48 12.05
CA SER A 247 3.28 10.69 11.50
C SER A 247 3.12 10.64 9.99
N ALA A 248 3.49 9.53 9.34
CA ALA A 248 3.53 9.51 7.88
C ALA A 248 2.15 9.67 7.25
N CYS A 249 1.12 9.05 7.83
CA CYS A 249 -0.22 9.21 7.28
C CYS A 249 -0.65 10.67 7.32
N ARG A 250 -0.46 11.32 8.46
CA ARG A 250 -0.84 12.73 8.59
C ARG A 250 0.00 13.60 7.66
N TYR A 251 1.29 13.27 7.51
CA TYR A 251 2.14 14.03 6.61
C TYR A 251 1.68 13.88 5.15
N ILE A 252 1.36 12.64 4.75
CA ILE A 252 0.85 12.41 3.40
C ILE A 252 -0.45 13.17 3.18
N ALA A 253 -1.35 13.16 4.17
CA ALA A 253 -2.58 13.93 4.03
C ALA A 253 -2.29 15.44 3.94
N ASP A 254 -1.35 15.93 4.74
CA ASP A 254 -1.05 17.35 4.75
C ASP A 254 -0.44 17.83 3.44
N THR A 255 0.33 16.97 2.78
CA THR A 255 1.05 17.31 1.56
C THR A 255 0.36 16.80 0.31
N ALA A 256 -0.85 16.27 0.44
CA ALA A 256 -1.58 15.71 -0.69
C ALA A 256 -2.04 16.78 -1.67
N ASN A 257 -2.36 16.34 -2.89
CA ASN A 257 -3.16 17.16 -3.78
C ASN A 257 -4.57 17.24 -3.23
N LYS A 258 -5.09 18.46 -3.05
CA LYS A 258 -6.32 18.70 -2.31
C LYS A 258 -7.44 19.18 -3.22
N GLY A 259 -8.62 18.58 -3.08
CA GLY A 259 -9.80 19.05 -3.80
C GLY A 259 -9.82 18.71 -5.27
N ASP A 260 -8.98 17.78 -5.73
CA ASP A 260 -8.87 17.51 -7.15
C ASP A 260 -9.69 16.30 -7.61
N LEU A 261 -10.24 15.52 -6.70
CA LEU A 261 -11.00 14.33 -7.07
C LEU A 261 -12.48 14.65 -7.20
N SER A 262 -13.15 13.98 -8.13
CA SER A 262 -14.58 14.12 -8.31
C SER A 262 -15.30 12.93 -7.68
N ASN A 263 -16.60 13.13 -7.42
CA ASN A 263 -17.48 12.12 -6.83
C ASN A 263 -17.02 11.66 -5.44
N ILE A 264 -16.44 12.56 -4.67
CA ILE A 264 -16.11 12.31 -3.27
C ILE A 264 -17.30 12.76 -2.43
N PRO A 265 -17.96 11.86 -1.70
CA PRO A 265 -19.13 12.26 -0.91
C PRO A 265 -18.77 13.26 0.17
N PHE A 266 -19.73 14.14 0.45
CA PHE A 266 -19.64 15.07 1.56
C PHE A 266 -19.21 14.33 2.82
N GLY A 267 -18.17 14.84 3.48
CA GLY A 267 -17.67 14.23 4.71
C GLY A 267 -16.49 13.29 4.54
N THR A 268 -16.10 12.99 3.30
CA THR A 268 -14.92 12.19 3.01
C THR A 268 -13.82 13.13 2.52
N VAL A 269 -12.58 12.90 2.96
CA VAL A 269 -11.49 13.77 2.54
C VAL A 269 -11.31 13.71 1.03
N ASN A 270 -10.97 14.85 0.45
CA ASN A 270 -10.64 14.97 -0.97
C ASN A 270 -9.14 15.23 -1.05
N LEU A 271 -8.37 14.16 -0.89
CA LEU A 271 -6.92 14.20 -0.77
C LEU A 271 -6.34 13.05 -1.57
N LEU A 272 -5.40 13.36 -2.47
CA LEU A 272 -4.78 12.39 -3.36
C LEU A 272 -3.28 12.37 -3.08
N ALA A 273 -2.75 11.17 -2.81
CA ALA A 273 -1.35 11.02 -2.41
C ALA A 273 -0.42 11.65 -3.44
N TYR A 274 0.61 12.36 -2.95
CA TYR A 274 1.48 13.17 -3.79
C TYR A 274 2.85 13.28 -3.13
N ASN A 275 3.91 13.00 -3.90
CA ASN A 275 5.25 13.00 -3.33
C ASN A 275 5.92 14.37 -3.24
N ASN A 276 5.32 15.42 -3.80
CA ASN A 276 5.92 16.76 -3.83
C ASN A 276 7.38 16.76 -4.24
N TYR A 277 7.74 15.89 -5.16
CA TYR A 277 9.11 15.88 -5.64
C TYR A 277 9.28 16.97 -6.68
N GLN A 278 10.28 17.83 -6.46
CA GLN A 278 10.59 18.89 -7.41
C GLN A 278 11.88 18.48 -8.10
N ALA A 279 11.77 18.06 -9.36
CA ALA A 279 12.93 17.59 -10.11
C ALA A 279 13.96 18.70 -10.32
S SO4 B . -1.45 2.76 -17.98
O1 SO4 B . -2.70 2.08 -17.67
O2 SO4 B . -1.68 4.18 -18.29
O3 SO4 B . -0.58 2.68 -16.80
O4 SO4 B . -0.85 2.14 -19.16
C4 8G2 C . -18.75 15.78 -6.17
C5 8G2 C . -18.23 16.76 -7.00
C6 8G2 C . -18.71 16.93 -8.28
C7 8G2 C . -19.71 16.11 -8.76
C8 8G2 C . -17.14 17.69 -6.48
O1 8G2 C . -21.04 13.11 -8.84
C1 8G2 C . -21.32 14.19 -8.44
O 8G2 C . -22.65 14.63 -8.41
C 8G2 C . -23.23 14.45 -7.15
C2 8G2 C . -20.22 15.11 -7.94
C3 8G2 C . -19.74 14.95 -6.65
N 8G2 C . -15.84 17.07 -6.68
#